data_4FXE
#
_entry.id   4FXE
#
_cell.length_a   77.230
_cell.length_b   77.230
_cell.length_c   362.820
_cell.angle_alpha   90.000
_cell.angle_beta   90.000
_cell.angle_gamma   120.000
#
_symmetry.space_group_name_H-M   'P 61 2 2'
#
loop_
_entity.id
_entity.type
_entity.pdbx_description
1 polymer 'Antitoxin RelB'
2 polymer 'mRNA interferase RelE'
3 non-polymer 'SULFATE ION'
4 water water
#
loop_
_entity_poly.entity_id
_entity_poly.type
_entity_poly.pdbx_seq_one_letter_code
_entity_poly.pdbx_strand_id
1 'polypeptide(L)' MGSINLRIDDELKARSYAALEKMGVTPSEALRLMLEYIADNERLPFKQTLLSDEDAELVEIVKERLRNPKPVRVTLDEL A,B,C
2 'polypeptide(L)'
;MAYFLDFDERALKEWRKLGSTVREQLKKKLVEVLESPRIEANKLRGMPDCYKIKLRSSGYRLVYQVIDEKVVVFVISVGK
AERSEVYSEAVKRIL
;
D,E,F
#
loop_
_chem_comp.id
_chem_comp.type
_chem_comp.name
_chem_comp.formula
SO4 non-polymer 'SULFATE ION' 'O4 S -2'
#
# COMPACT_ATOMS: atom_id res chain seq x y z
N GLY A 2 1.63 -32.65 -27.80
CA GLY A 2 2.46 -33.25 -26.76
C GLY A 2 1.65 -33.65 -25.54
N SER A 3 2.35 -34.13 -24.51
CA SER A 3 1.71 -34.55 -23.27
C SER A 3 2.68 -34.47 -22.10
N ILE A 4 2.15 -34.09 -20.94
CA ILE A 4 2.96 -34.07 -19.71
C ILE A 4 2.27 -34.94 -18.67
N ASN A 5 3.06 -35.76 -17.98
CA ASN A 5 2.53 -36.59 -16.90
C ASN A 5 3.00 -36.08 -15.55
N LEU A 6 2.04 -35.73 -14.70
CA LEU A 6 2.33 -35.11 -13.42
C LEU A 6 2.03 -36.00 -12.23
N ARG A 7 3.00 -36.12 -11.33
CA ARG A 7 2.82 -36.87 -10.10
C ARG A 7 2.22 -35.93 -9.06
N ILE A 8 1.07 -36.30 -8.51
CA ILE A 8 0.30 -35.41 -7.66
C ILE A 8 -0.20 -36.13 -6.41
N ASP A 9 -0.12 -35.45 -5.27
CA ASP A 9 -0.69 -35.99 -4.04
C ASP A 9 -2.21 -36.08 -4.17
N ASP A 10 -2.79 -37.18 -3.70
CA ASP A 10 -4.21 -37.45 -3.85
C ASP A 10 -5.10 -36.35 -3.28
N GLU A 11 -4.79 -35.88 -2.07
CA GLU A 11 -5.59 -34.86 -1.41
C GLU A 11 -5.55 -33.53 -2.16
N LEU A 12 -4.40 -33.24 -2.76
CA LEU A 12 -4.22 -31.98 -3.49
C LEU A 12 -4.97 -32.01 -4.83
N LYS A 13 -5.07 -33.19 -5.43
CA LYS A 13 -5.83 -33.34 -6.66
C LYS A 13 -7.28 -32.95 -6.36
N ALA A 14 -7.79 -33.49 -5.27
CA ALA A 14 -9.14 -33.22 -4.79
C ALA A 14 -9.42 -31.72 -4.59
N ARG A 15 -8.69 -31.10 -3.66
CA ARG A 15 -8.94 -29.72 -3.28
C ARG A 15 -8.74 -28.73 -4.42
N SER A 16 -7.74 -28.99 -5.26
CA SER A 16 -7.44 -28.08 -6.36
C SER A 16 -8.46 -28.19 -7.49
N TYR A 17 -8.97 -29.40 -7.74
CA TYR A 17 -10.00 -29.57 -8.76
C TYR A 17 -11.33 -28.98 -8.32
N ALA A 18 -11.73 -29.31 -7.09
CA ALA A 18 -12.87 -28.69 -6.43
C ALA A 18 -12.86 -27.17 -6.60
N ALA A 19 -11.72 -26.56 -6.31
CA ALA A 19 -11.59 -25.11 -6.38
C ALA A 19 -11.71 -24.61 -7.82
N LEU A 20 -11.13 -25.36 -8.75
CA LEU A 20 -11.15 -24.98 -10.17
C LEU A 20 -12.57 -24.99 -10.75
N GLU A 21 -13.39 -25.94 -10.34
CA GLU A 21 -14.78 -25.97 -10.77
C GLU A 21 -15.55 -24.73 -10.28
N LYS A 22 -15.35 -24.38 -9.02
CA LYS A 22 -15.90 -23.14 -8.47
C LYS A 22 -15.55 -21.92 -9.31
N MET A 23 -14.31 -21.89 -9.79
CA MET A 23 -13.80 -20.75 -10.55
C MET A 23 -14.23 -20.82 -12.00
N GLY A 24 -14.67 -22.01 -12.41
CA GLY A 24 -15.05 -22.25 -13.79
C GLY A 24 -13.85 -22.19 -14.71
N VAL A 25 -12.74 -22.76 -14.25
CA VAL A 25 -11.55 -22.92 -15.08
C VAL A 25 -11.18 -24.40 -15.00
N THR A 26 -10.87 -24.99 -16.15
CA THR A 26 -10.49 -26.41 -16.16
C THR A 26 -9.03 -26.55 -15.75
N PRO A 27 -8.69 -27.70 -15.13
CA PRO A 27 -7.31 -28.00 -14.72
C PRO A 27 -6.29 -27.91 -15.86
N SER A 28 -6.71 -28.28 -17.06
CA SER A 28 -5.82 -28.23 -18.22
C SER A 28 -5.52 -26.79 -18.64
N GLU A 29 -6.56 -25.96 -18.65
CA GLU A 29 -6.43 -24.55 -18.97
C GLU A 29 -5.54 -23.87 -17.95
N ALA A 30 -5.73 -24.21 -16.68
CA ALA A 30 -4.96 -23.63 -15.59
C ALA A 30 -3.47 -23.88 -15.78
N LEU A 31 -3.12 -25.15 -16.03
CA LEU A 31 -1.73 -25.57 -16.16
C LEU A 31 -1.07 -25.05 -17.44
N ARG A 32 -1.85 -24.91 -18.51
CA ARG A 32 -1.33 -24.39 -19.77
C ARG A 32 -1.08 -22.89 -19.69
N LEU A 33 -1.85 -22.21 -18.85
CA LEU A 33 -1.61 -20.80 -18.56
C LEU A 33 -0.28 -20.61 -17.84
N MET A 34 -0.05 -21.39 -16.80
CA MET A 34 1.16 -21.24 -15.99
C MET A 34 2.39 -21.51 -16.84
N LEU A 35 2.31 -22.52 -17.69
CA LEU A 35 3.43 -22.90 -18.53
C LEU A 35 3.71 -21.85 -19.59
N GLU A 36 2.66 -21.25 -20.13
CA GLU A 36 2.83 -20.20 -21.11
C GLU A 36 3.40 -18.95 -20.46
N TYR A 37 2.89 -18.63 -19.27
CA TYR A 37 3.40 -17.50 -18.50
C TYR A 37 4.88 -17.67 -18.21
N ILE A 38 5.22 -18.79 -17.58
CA ILE A 38 6.60 -19.11 -17.24
C ILE A 38 7.50 -19.04 -18.48
N ALA A 39 7.01 -19.58 -19.59
CA ALA A 39 7.76 -19.56 -20.84
C ALA A 39 8.08 -18.15 -21.32
N ASP A 40 7.12 -17.24 -21.17
CA ASP A 40 7.28 -15.89 -21.68
C ASP A 40 7.96 -14.91 -20.70
N ASN A 41 7.63 -15.02 -19.42
CA ASN A 41 8.15 -14.09 -18.42
C ASN A 41 9.40 -14.58 -17.70
N GLU A 42 9.69 -15.87 -17.87
CA GLU A 42 10.86 -16.50 -17.26
C GLU A 42 10.79 -16.38 -15.72
N ARG A 43 9.58 -16.42 -15.18
CA ARG A 43 9.39 -16.42 -13.74
C ARG A 43 8.05 -17.05 -13.36
N LEU A 44 7.88 -17.34 -12.08
CA LEU A 44 6.61 -17.83 -11.56
C LEU A 44 5.67 -16.64 -11.41
N PRO A 45 4.36 -16.88 -11.54
CA PRO A 45 3.37 -15.80 -11.50
C PRO A 45 3.08 -15.26 -10.11
N PHE A 46 3.69 -15.87 -9.09
CA PHE A 46 3.45 -15.46 -7.71
C PHE A 46 4.21 -14.20 -7.33
N LYS A 47 3.73 -13.53 -6.29
CA LYS A 47 4.38 -12.35 -5.74
C LYS A 47 5.83 -12.68 -5.38
N GLN A 48 6.75 -11.80 -5.76
CA GLN A 48 8.16 -12.01 -5.50
C GLN A 48 8.53 -11.44 -4.14
N THR A 49 7.88 -11.97 -3.11
CA THR A 49 8.00 -11.41 -1.77
C THR A 49 9.36 -11.68 -1.15
N LEU A 50 10.02 -12.75 -1.59
CA LEU A 50 11.38 -13.05 -1.16
C LEU A 50 12.34 -11.98 -1.65
N LEU A 51 12.20 -11.59 -2.92
CA LEU A 51 13.00 -10.51 -3.46
C LEU A 51 12.53 -9.18 -2.89
N SER A 52 11.21 -9.10 -2.64
CA SER A 52 10.60 -7.88 -2.12
C SER A 52 11.15 -7.47 -0.76
N ASP A 53 11.27 -8.43 0.16
CA ASP A 53 11.75 -8.11 1.50
C ASP A 53 13.27 -8.17 1.62
N GLU A 54 13.94 -8.44 0.49
CA GLU A 54 15.38 -8.24 0.42
C GLU A 54 15.65 -6.76 0.14
N ASP A 55 14.84 -6.18 -0.75
CA ASP A 55 14.90 -4.76 -1.04
C ASP A 55 14.53 -3.91 0.17
N ALA A 56 13.53 -4.38 0.94
CA ALA A 56 13.09 -3.70 2.14
C ALA A 56 14.22 -3.57 3.16
N GLU A 57 15.16 -4.52 3.15
CA GLU A 57 16.26 -4.51 4.11
C GLU A 57 17.38 -3.61 3.61
N LEU A 58 17.50 -3.51 2.30
CA LEU A 58 18.43 -2.57 1.69
C LEU A 58 18.02 -1.14 2.05
N VAL A 59 16.71 -0.89 1.99
CA VAL A 59 16.14 0.39 2.37
C VAL A 59 16.37 0.71 3.85
N GLU A 60 16.32 -0.32 4.69
CA GLU A 60 16.49 -0.13 6.13
C GLU A 60 17.93 0.30 6.43
N ILE A 61 18.85 -0.12 5.57
CA ILE A 61 20.25 0.23 5.74
C ILE A 61 20.50 1.66 5.24
N VAL A 62 19.85 2.02 4.14
CA VAL A 62 19.92 3.37 3.61
C VAL A 62 19.36 4.37 4.61
N LYS A 63 18.18 4.04 5.16
CA LYS A 63 17.55 4.86 6.19
C LYS A 63 18.48 5.19 7.35
N GLU A 64 19.09 4.14 7.91
CA GLU A 64 20.00 4.28 9.04
C GLU A 64 21.17 5.19 8.69
N ARG A 65 21.64 5.09 7.45
CA ARG A 65 22.79 5.86 6.99
C ARG A 65 22.44 7.31 6.64
N LEU A 66 21.20 7.54 6.18
CA LEU A 66 20.73 8.89 5.93
C LEU A 66 20.48 9.65 7.22
N ARG A 67 20.54 8.96 8.35
CA ARG A 67 20.42 9.63 9.64
C ARG A 67 21.66 10.48 9.91
N ASN A 68 22.84 9.89 9.77
CA ASN A 68 24.08 10.65 9.93
C ASN A 68 25.06 10.54 8.77
N PRO A 69 24.82 11.31 7.70
CA PRO A 69 25.77 11.34 6.57
C PRO A 69 27.03 12.12 6.92
N GLY B 2 -1.61 -39.72 -6.60
CA GLY B 2 -2.43 -39.49 -7.77
C GLY B 2 -1.60 -39.16 -9.00
N SER B 3 -2.27 -38.84 -10.10
CA SER B 3 -1.59 -38.51 -11.35
C SER B 3 -2.45 -37.61 -12.23
N ILE B 4 -1.82 -36.69 -12.94
CA ILE B 4 -2.51 -35.83 -13.90
C ILE B 4 -1.87 -35.93 -15.28
N ASN B 5 -2.70 -36.06 -16.31
CA ASN B 5 -2.21 -36.02 -17.68
C ASN B 5 -2.65 -34.74 -18.38
N LEU B 6 -1.67 -33.97 -18.83
CA LEU B 6 -1.96 -32.68 -19.45
C LEU B 6 -1.65 -32.74 -20.94
N ARG B 7 -2.62 -32.32 -21.74
CA ARG B 7 -2.42 -32.26 -23.18
C ARG B 7 -1.79 -30.91 -23.48
N ILE B 8 -0.63 -30.92 -24.13
CA ILE B 8 0.15 -29.70 -24.27
C ILE B 8 0.67 -29.53 -25.70
N ASP B 9 0.63 -28.30 -26.19
CA ASP B 9 1.17 -27.97 -27.50
C ASP B 9 2.68 -28.24 -27.53
N ASP B 10 3.16 -28.81 -28.63
CA ASP B 10 4.56 -29.21 -28.74
C ASP B 10 5.54 -28.06 -28.49
N GLU B 11 5.29 -26.93 -29.12
CA GLU B 11 6.18 -25.79 -29.00
C GLU B 11 6.16 -25.20 -27.59
N LEU B 12 5.01 -25.27 -26.94
CA LEU B 12 4.88 -24.70 -25.60
C LEU B 12 5.63 -25.57 -24.60
N LYS B 13 5.65 -26.88 -24.85
CA LYS B 13 6.40 -27.80 -24.03
C LYS B 13 7.88 -27.45 -24.13
N ALA B 14 8.34 -27.25 -25.36
CA ALA B 14 9.71 -26.83 -25.63
C ALA B 14 10.05 -25.55 -24.87
N ARG B 15 9.32 -24.48 -25.16
CA ARG B 15 9.61 -23.16 -24.61
C ARG B 15 9.51 -23.08 -23.08
N SER B 16 8.54 -23.77 -22.50
CA SER B 16 8.33 -23.73 -21.06
C SER B 16 9.37 -24.58 -20.32
N TYR B 17 9.82 -25.65 -20.95
CA TYR B 17 10.85 -26.52 -20.37
C TYR B 17 12.19 -25.78 -20.33
N ALA B 18 12.53 -25.16 -21.46
CA ALA B 18 13.66 -24.24 -21.55
C ALA B 18 13.64 -23.25 -20.39
N ALA B 19 12.50 -22.60 -20.18
CA ALA B 19 12.36 -21.58 -19.16
C ALA B 19 12.48 -22.16 -17.75
N LEU B 20 11.90 -23.34 -17.55
CA LEU B 20 11.92 -24.00 -16.25
C LEU B 20 13.33 -24.42 -15.83
N GLU B 21 14.10 -24.91 -16.80
CA GLU B 21 15.50 -25.29 -16.57
C GLU B 21 16.37 -24.10 -16.18
N LYS B 22 16.23 -23.00 -16.90
CA LYS B 22 16.91 -21.76 -16.55
C LYS B 22 16.66 -21.40 -15.09
N MET B 23 15.43 -21.65 -14.64
CA MET B 23 15.03 -21.33 -13.27
C MET B 23 15.42 -22.44 -12.31
N GLY B 24 15.69 -23.63 -12.84
CA GLY B 24 15.99 -24.79 -12.04
C GLY B 24 14.75 -25.24 -11.28
N VAL B 25 13.61 -25.22 -11.96
CA VAL B 25 12.37 -25.73 -11.39
C VAL B 25 11.85 -26.81 -12.32
N THR B 26 11.43 -27.93 -11.75
CA THR B 26 10.89 -29.02 -12.55
C THR B 26 9.46 -28.66 -12.92
N PRO B 27 8.97 -29.17 -14.07
CA PRO B 27 7.59 -28.92 -14.52
C PRO B 27 6.57 -29.35 -13.47
N SER B 28 6.89 -30.40 -12.73
CA SER B 28 6.00 -30.91 -11.69
C SER B 28 5.92 -29.98 -10.47
N GLU B 29 7.06 -29.47 -10.04
CA GLU B 29 7.11 -28.55 -8.92
C GLU B 29 6.34 -27.26 -9.20
N ALA B 30 6.50 -26.74 -10.42
CA ALA B 30 5.79 -25.53 -10.83
C ALA B 30 4.28 -25.76 -10.76
N LEU B 31 3.83 -26.86 -11.35
CA LEU B 31 2.41 -27.17 -11.42
C LEU B 31 1.83 -27.53 -10.05
N ARG B 32 2.63 -28.14 -9.18
CA ARG B 32 2.17 -28.46 -7.83
C ARG B 32 2.08 -27.22 -6.93
N LEU B 33 2.90 -26.21 -7.21
CA LEU B 33 2.77 -24.93 -6.52
C LEU B 33 1.45 -24.27 -6.87
N MET B 34 1.17 -24.21 -8.17
CA MET B 34 -0.04 -23.55 -8.67
C MET B 34 -1.30 -24.22 -8.16
N LEU B 35 -1.31 -25.55 -8.17
CA LEU B 35 -2.50 -26.30 -7.74
C LEU B 35 -2.72 -26.10 -6.25
N GLU B 36 -1.63 -26.02 -5.50
CA GLU B 36 -1.72 -25.81 -4.07
C GLU B 36 -2.21 -24.39 -3.77
N TYR B 37 -1.68 -23.41 -4.51
CA TYR B 37 -2.10 -22.02 -4.39
C TYR B 37 -3.59 -21.90 -4.67
N ILE B 38 -4.02 -22.37 -5.83
CA ILE B 38 -5.41 -22.32 -6.23
C ILE B 38 -6.32 -22.96 -5.18
N ALA B 39 -5.90 -24.10 -4.64
CA ALA B 39 -6.68 -24.81 -3.63
C ALA B 39 -6.90 -23.98 -2.37
N ASP B 40 -5.85 -23.28 -1.93
CA ASP B 40 -5.89 -22.54 -0.68
C ASP B 40 -6.44 -21.13 -0.83
N ASN B 41 -6.09 -20.47 -1.92
CA ASN B 41 -6.49 -19.08 -2.13
C ASN B 41 -7.75 -18.91 -2.99
N GLU B 42 -8.17 -19.99 -3.65
CA GLU B 42 -9.36 -20.00 -4.51
C GLU B 42 -9.34 -18.96 -5.63
N ARG B 43 -8.14 -18.74 -6.18
CA ARG B 43 -8.00 -17.91 -7.36
C ARG B 43 -6.72 -18.32 -8.10
N LEU B 44 -6.58 -17.83 -9.33
CA LEU B 44 -5.35 -18.04 -10.08
C LEU B 44 -4.33 -17.06 -9.54
N PRO B 45 -3.04 -17.42 -9.60
CA PRO B 45 -2.00 -16.56 -9.01
C PRO B 45 -1.70 -15.33 -9.87
N PHE B 46 -2.33 -15.23 -11.03
CA PHE B 46 -2.07 -14.09 -11.91
C PHE B 46 -2.80 -12.86 -11.40
N LYS B 47 -2.32 -11.69 -11.81
CA LYS B 47 -2.94 -10.41 -11.46
C LYS B 47 -4.41 -10.52 -11.88
N GLN B 48 -5.31 -10.08 -11.01
CA GLN B 48 -6.73 -10.20 -11.31
C GLN B 48 -7.22 -8.98 -12.09
N THR B 49 -6.59 -8.74 -13.23
CA THR B 49 -6.84 -7.53 -14.01
C THR B 49 -8.17 -7.53 -14.75
N LEU B 50 -8.67 -8.71 -15.11
CA LEU B 50 -10.00 -8.80 -15.71
C LEU B 50 -11.06 -8.39 -14.70
N LEU B 51 -10.88 -8.84 -13.46
CA LEU B 51 -11.76 -8.45 -12.37
C LEU B 51 -11.51 -6.99 -12.03
N SER B 52 -10.26 -6.57 -12.17
CA SER B 52 -9.86 -5.20 -11.85
C SER B 52 -10.60 -4.17 -12.69
N ASP B 53 -10.65 -4.38 -14.00
CA ASP B 53 -11.30 -3.43 -14.90
C ASP B 53 -12.80 -3.69 -15.06
N GLU B 54 -13.31 -4.70 -14.36
CA GLU B 54 -14.74 -4.86 -14.22
C GLU B 54 -15.23 -3.92 -13.11
N ASP B 55 -14.46 -3.88 -12.02
CA ASP B 55 -14.72 -2.96 -10.91
C ASP B 55 -14.57 -1.51 -11.35
N ALA B 56 -13.62 -1.28 -12.24
CA ALA B 56 -13.36 0.05 -12.76
C ALA B 56 -14.60 0.64 -13.42
N GLU B 57 -15.44 -0.23 -13.98
CA GLU B 57 -16.64 0.22 -14.67
C GLU B 57 -17.78 0.34 -13.68
N LEU B 58 -17.72 -0.47 -12.64
CA LEU B 58 -18.63 -0.38 -11.51
C LEU B 58 -18.43 0.96 -10.82
N VAL B 59 -17.16 1.33 -10.67
CA VAL B 59 -16.80 2.63 -10.11
C VAL B 59 -17.35 3.75 -11.00
N GLU B 60 -17.32 3.53 -12.32
CA GLU B 60 -17.80 4.53 -13.26
C GLU B 60 -19.30 4.77 -13.15
N ILE B 61 -20.05 3.74 -12.77
CA ILE B 61 -21.50 3.87 -12.63
C ILE B 61 -21.83 4.56 -11.32
N VAL B 62 -21.05 4.24 -10.28
CA VAL B 62 -21.19 4.86 -8.97
C VAL B 62 -20.94 6.36 -9.07
N LYS B 63 -19.82 6.73 -9.70
CA LYS B 63 -19.47 8.12 -9.94
C LYS B 63 -20.60 8.89 -10.63
N GLU B 64 -21.09 8.36 -11.74
CA GLU B 64 -22.15 9.00 -12.52
C GLU B 64 -23.41 9.21 -11.70
N ARG B 65 -23.75 8.22 -10.87
CA ARG B 65 -24.98 8.28 -10.09
C ARG B 65 -24.87 9.15 -8.84
N LEU B 66 -23.68 9.22 -8.25
CA LEU B 66 -23.46 10.10 -7.11
C LEU B 66 -23.41 11.59 -7.49
N ARG B 67 -23.46 11.89 -8.79
CA ARG B 67 -23.56 13.27 -9.25
C ARG B 67 -24.90 13.85 -8.82
N ASN B 68 -25.96 13.12 -9.13
CA ASN B 68 -27.30 13.49 -8.72
C ASN B 68 -27.89 12.29 -7.99
N PRO B 69 -27.55 12.15 -6.70
CA PRO B 69 -28.05 11.00 -5.95
C PRO B 69 -29.54 11.12 -5.66
N LYS B 70 -30.24 10.00 -5.78
CA LYS B 70 -31.66 9.97 -5.47
C LYS B 70 -31.98 8.84 -4.51
N PRO B 71 -31.53 8.96 -3.24
CA PRO B 71 -31.77 7.90 -2.26
C PRO B 71 -33.24 7.72 -1.91
N VAL B 72 -33.63 6.46 -1.70
CA VAL B 72 -34.96 6.13 -1.22
C VAL B 72 -34.81 5.14 -0.06
N ARG B 73 -35.22 5.58 1.13
CA ARG B 73 -35.20 4.73 2.31
C ARG B 73 -36.22 3.62 2.16
N VAL B 74 -35.78 2.38 2.31
CA VAL B 74 -36.65 1.21 2.15
C VAL B 74 -36.43 0.16 3.24
N THR B 75 -37.40 -0.74 3.39
CA THR B 75 -37.24 -1.91 4.25
C THR B 75 -37.13 -3.16 3.38
N LEU B 76 -36.66 -4.26 3.97
CA LEU B 76 -36.48 -5.51 3.23
C LEU B 76 -37.81 -6.00 2.66
N ASP B 77 -38.87 -5.82 3.44
CA ASP B 77 -40.20 -6.28 3.05
C ASP B 77 -40.70 -5.56 1.80
N GLU B 78 -40.15 -4.38 1.52
CA GLU B 78 -40.45 -3.66 0.30
C GLU B 78 -39.67 -4.26 -0.89
N LEU B 79 -38.58 -4.93 -0.58
CA LEU B 79 -37.72 -5.51 -1.60
C LEU B 79 -38.16 -6.92 -1.98
N LEU C 33 12.00 33.47 -14.92
CA LEU C 33 10.86 32.57 -14.78
C LEU C 33 10.96 31.76 -13.49
N MET C 34 12.08 31.05 -13.33
CA MET C 34 12.34 30.29 -12.11
C MET C 34 12.31 31.22 -10.90
N LEU C 35 12.77 32.45 -11.11
CA LEU C 35 12.74 33.48 -10.08
C LEU C 35 11.31 33.82 -9.68
N GLU C 36 10.40 33.83 -10.66
CA GLU C 36 8.99 34.13 -10.40
C GLU C 36 8.35 33.04 -9.54
N TYR C 37 8.85 31.82 -9.67
CA TYR C 37 8.40 30.71 -8.84
C TYR C 37 8.88 30.91 -7.40
N ILE C 38 10.19 31.05 -7.25
CA ILE C 38 10.82 31.20 -5.93
C ILE C 38 10.29 32.44 -5.21
N ALA C 39 9.86 33.43 -5.99
CA ALA C 39 9.29 34.64 -5.42
C ALA C 39 8.03 34.34 -4.61
N ASP C 40 7.12 33.58 -5.22
CA ASP C 40 5.81 33.35 -4.63
C ASP C 40 5.78 32.16 -3.68
N ASN C 41 6.28 31.02 -4.14
CA ASN C 41 6.27 29.78 -3.35
C ASN C 41 7.16 29.84 -2.12
N GLU C 42 8.17 30.71 -2.16
CA GLU C 42 9.22 30.79 -1.15
C GLU C 42 9.92 29.43 -0.96
N ARG C 43 10.40 28.88 -2.07
CA ARG C 43 11.22 27.67 -2.08
C ARG C 43 11.75 27.40 -3.49
N LEU C 44 12.47 26.29 -3.65
CA LEU C 44 13.04 25.91 -4.94
C LEU C 44 12.09 24.97 -5.70
N PRO C 45 12.10 25.04 -7.04
CA PRO C 45 11.21 24.20 -7.86
C PRO C 45 11.53 22.72 -7.76
N PHE C 46 12.79 22.40 -7.50
CA PHE C 46 13.22 21.02 -7.28
C PHE C 46 12.54 20.52 -6.01
N LYS C 47 12.53 19.21 -5.81
CA LYS C 47 11.92 18.67 -4.59
C LYS C 47 12.89 18.72 -3.41
N GLN C 48 12.42 19.27 -2.31
CA GLN C 48 13.21 19.45 -1.10
C GLN C 48 13.54 18.12 -0.44
N THR C 49 14.42 17.33 -1.04
CA THR C 49 14.78 16.03 -0.47
C THR C 49 15.60 16.16 0.81
N LEU C 50 16.12 17.37 1.07
CA LEU C 50 16.86 17.61 2.30
C LEU C 50 15.92 17.65 3.50
N LEU C 51 14.74 18.23 3.31
CA LEU C 51 13.73 18.26 4.36
C LEU C 51 13.06 16.89 4.46
N SER C 52 13.10 16.13 3.37
CA SER C 52 12.62 14.75 3.36
C SER C 52 13.37 13.92 4.37
N ASP C 53 14.70 13.89 4.25
CA ASP C 53 15.53 13.18 5.20
C ASP C 53 15.99 14.08 6.36
N GLU C 54 15.10 14.97 6.76
CA GLU C 54 15.23 15.66 8.04
C GLU C 54 13.98 15.32 8.83
N ASP C 55 12.87 15.19 8.12
CA ASP C 55 11.62 14.75 8.69
C ASP C 55 11.65 13.24 8.91
N ALA C 56 12.63 12.57 8.32
CA ALA C 56 12.81 11.14 8.50
C ALA C 56 13.50 10.87 9.82
N GLU C 57 14.36 11.81 10.22
CA GLU C 57 15.06 11.74 11.49
C GLU C 57 14.05 11.82 12.63
N LEU C 58 13.12 12.77 12.50
CA LEU C 58 12.11 13.00 13.50
C LEU C 58 11.21 11.79 13.64
N VAL C 59 10.72 11.31 12.49
CA VAL C 59 9.92 10.09 12.43
C VAL C 59 10.62 8.94 13.16
N GLU C 60 11.94 8.89 13.03
CA GLU C 60 12.71 7.84 13.68
C GLU C 60 12.62 7.93 15.20
N ILE C 61 12.94 9.09 15.74
CA ILE C 61 12.83 9.33 17.18
C ILE C 61 11.40 9.11 17.66
N VAL C 62 10.43 9.39 16.78
CA VAL C 62 9.03 9.18 17.10
C VAL C 62 8.65 7.70 16.98
N LYS C 63 9.06 7.06 15.89
CA LYS C 63 8.82 5.62 15.72
C LYS C 63 9.45 4.85 16.88
N GLU C 64 10.67 5.25 17.25
CA GLU C 64 11.40 4.61 18.33
C GLU C 64 10.71 4.76 19.68
N ARG C 65 10.23 5.96 19.97
CA ARG C 65 9.60 6.21 21.27
C ARG C 65 8.20 5.60 21.35
N LEU C 66 7.52 5.48 20.22
CA LEU C 66 6.21 4.82 20.18
C LEU C 66 6.35 3.33 20.50
N ARG C 67 7.56 2.81 20.39
CA ARG C 67 7.85 1.43 20.77
C ARG C 67 7.76 1.25 22.27
N ASN C 68 8.40 2.15 23.00
CA ASN C 68 8.32 2.16 24.46
C ASN C 68 7.70 3.45 24.95
N PRO C 69 6.36 3.58 24.86
CA PRO C 69 5.71 4.80 25.33
C PRO C 69 5.61 4.83 26.84
N LYS C 70 5.78 6.01 27.42
CA LYS C 70 5.66 6.19 28.87
C LYS C 70 4.79 7.41 29.19
N PRO C 71 3.46 7.25 29.00
CA PRO C 71 2.49 8.36 29.08
C PRO C 71 2.28 8.90 30.50
N VAL C 72 2.08 10.21 30.60
CA VAL C 72 1.88 10.90 31.87
C VAL C 72 0.90 12.06 31.70
N ARG C 73 -0.25 11.98 32.36
CA ARG C 73 -1.24 13.04 32.27
C ARG C 73 -0.82 14.24 33.10
N VAL C 74 -0.99 15.44 32.53
CA VAL C 74 -0.45 16.64 33.14
C VAL C 74 -1.42 17.82 33.12
N THR C 75 -1.63 18.42 34.28
CA THR C 75 -2.27 19.72 34.34
C THR C 75 -1.36 20.66 33.58
N LEU C 76 -1.94 21.62 32.86
CA LEU C 76 -1.14 22.64 32.19
C LEU C 76 -0.48 23.50 33.27
N ASP C 77 -1.07 23.48 34.46
CA ASP C 77 -0.47 24.06 35.65
C ASP C 77 0.81 23.29 35.99
N GLU C 78 0.77 21.99 35.76
CA GLU C 78 1.90 21.08 36.02
C GLU C 78 2.90 21.16 34.86
N LEU C 79 2.97 22.31 34.21
CA LEU C 79 3.90 22.55 33.11
C LEU C 79 4.53 23.94 33.22
N TYR D 3 26.34 16.00 -13.16
CA TYR D 3 26.09 15.92 -11.73
C TYR D 3 27.37 15.84 -10.91
N PHE D 4 27.32 16.36 -9.68
CA PHE D 4 28.38 16.15 -8.71
C PHE D 4 28.32 14.71 -8.22
N LEU D 5 29.41 14.23 -7.65
CA LEU D 5 29.44 12.89 -7.08
C LEU D 5 29.86 12.99 -5.62
N ASP D 6 28.99 12.56 -4.70
CA ASP D 6 29.34 12.49 -3.30
C ASP D 6 29.30 11.04 -2.79
N PHE D 7 30.23 10.72 -1.89
CA PHE D 7 30.22 9.43 -1.21
C PHE D 7 30.06 9.64 0.29
N ASP D 8 29.20 8.84 0.90
CA ASP D 8 29.11 8.78 2.35
C ASP D 8 30.38 8.09 2.84
N GLU D 9 30.79 8.38 4.06
CA GLU D 9 32.00 7.81 4.62
C GLU D 9 31.97 6.28 4.68
N ARG D 10 30.85 5.72 5.12
CA ARG D 10 30.67 4.27 5.13
C ARG D 10 30.74 3.63 3.74
N ALA D 11 30.12 4.27 2.76
CA ALA D 11 30.13 3.74 1.38
C ALA D 11 31.53 3.71 0.78
N LEU D 12 32.35 4.68 1.16
CA LEU D 12 33.70 4.78 0.63
C LEU D 12 34.59 3.69 1.21
N LYS D 13 34.36 3.36 2.48
CA LYS D 13 35.06 2.25 3.12
C LYS D 13 34.74 0.94 2.40
N GLU D 14 33.48 0.79 1.99
CA GLU D 14 33.06 -0.39 1.23
C GLU D 14 33.75 -0.47 -0.13
N TRP D 15 33.80 0.66 -0.83
CA TRP D 15 34.40 0.73 -2.15
C TRP D 15 35.86 0.30 -2.20
N ARG D 16 36.63 0.74 -1.21
CA ARG D 16 38.06 0.42 -1.13
C ARG D 16 38.33 -1.08 -1.18
N LYS D 17 37.47 -1.87 -0.57
CA LYS D 17 37.63 -3.32 -0.57
C LYS D 17 36.69 -4.00 -1.55
N ARG D 23 35.55 -3.23 -9.06
CA ARG D 23 35.24 -1.81 -8.95
C ARG D 23 35.23 -1.13 -10.33
N GLU D 24 35.97 -1.71 -11.26
CA GLU D 24 36.05 -1.18 -12.62
C GLU D 24 34.72 -1.17 -13.38
N GLN D 25 33.92 -2.22 -13.24
CA GLN D 25 32.66 -2.30 -13.98
C GLN D 25 31.59 -1.39 -13.42
N LEU D 26 31.58 -1.25 -12.10
CA LEU D 26 30.65 -0.34 -11.42
C LEU D 26 30.94 1.11 -11.78
N LYS D 27 32.22 1.44 -11.82
CA LYS D 27 32.67 2.80 -12.14
C LYS D 27 32.26 3.12 -13.58
N LYS D 28 32.24 2.09 -14.43
CA LYS D 28 31.86 2.22 -15.82
C LYS D 28 30.39 2.62 -15.95
N LYS D 29 29.59 2.17 -14.98
CA LYS D 29 28.16 2.45 -14.95
C LYS D 29 27.86 3.76 -14.22
N LEU D 30 28.76 4.15 -13.33
CA LEU D 30 28.63 5.39 -12.57
C LEU D 30 28.71 6.66 -13.43
N VAL D 31 29.57 6.64 -14.45
CA VAL D 31 29.74 7.82 -15.30
C VAL D 31 28.50 8.03 -16.16
N GLU D 32 27.82 6.94 -16.49
CA GLU D 32 26.55 7.00 -17.20
C GLU D 32 25.50 7.52 -16.23
N VAL D 33 25.60 7.09 -14.98
CA VAL D 33 24.71 7.58 -13.93
C VAL D 33 24.94 9.08 -13.70
N LEU D 34 26.20 9.51 -13.71
CA LEU D 34 26.54 10.92 -13.46
C LEU D 34 25.95 11.90 -14.46
N GLU D 35 25.63 11.43 -15.66
CA GLU D 35 24.91 12.24 -16.63
C GLU D 35 23.53 11.62 -16.80
N SER D 36 22.49 12.31 -16.33
CA SER D 36 21.12 11.78 -16.27
C SER D 36 21.09 10.60 -15.30
N PRO D 37 20.98 10.91 -13.99
CA PRO D 37 21.08 9.95 -12.88
C PRO D 37 19.81 9.16 -12.58
N ARG D 38 18.66 9.65 -13.02
CA ARG D 38 17.41 8.99 -12.66
C ARG D 38 17.02 7.89 -13.65
N ILE D 39 17.38 6.65 -13.30
CA ILE D 39 16.91 5.51 -14.06
C ILE D 39 15.76 4.84 -13.30
N GLU D 40 14.56 5.21 -13.69
CA GLU D 40 13.31 4.74 -13.08
C GLU D 40 13.15 3.22 -12.95
N ALA D 41 13.86 2.45 -13.78
CA ALA D 41 13.71 1.01 -13.77
C ALA D 41 14.42 0.41 -12.55
N ASN D 42 15.48 1.07 -12.11
CA ASN D 42 16.23 0.61 -10.94
C ASN D 42 15.79 1.34 -9.67
N LYS D 43 14.62 1.96 -9.73
CA LYS D 43 14.05 2.65 -8.59
C LYS D 43 13.93 1.72 -7.39
N LEU D 44 14.57 2.10 -6.30
CA LEU D 44 14.42 1.34 -5.07
C LEU D 44 13.13 1.84 -4.45
N ARG D 45 12.03 1.20 -4.84
CA ARG D 45 10.70 1.64 -4.41
C ARG D 45 10.54 1.53 -2.92
N GLY D 46 10.05 2.60 -2.30
CA GLY D 46 9.85 2.61 -0.87
C GLY D 46 10.75 3.66 -0.28
N MET D 47 11.56 4.29 -1.12
CA MET D 47 12.50 5.31 -0.68
C MET D 47 12.53 6.51 -1.61
N PRO D 48 12.71 7.72 -1.03
CA PRO D 48 12.83 8.94 -1.83
C PRO D 48 14.07 8.95 -2.72
N ASP D 49 13.86 9.06 -4.02
CA ASP D 49 14.92 9.38 -4.99
C ASP D 49 16.12 8.43 -4.96
N CYS D 50 15.90 7.18 -4.55
CA CYS D 50 16.99 6.20 -4.47
C CYS D 50 16.95 5.16 -5.58
N TYR D 51 18.12 4.77 -6.07
CA TYR D 51 18.23 3.82 -7.17
C TYR D 51 19.33 2.78 -6.97
N LYS D 52 19.22 1.66 -7.67
CA LYS D 52 20.23 0.60 -7.62
C LYS D 52 21.11 0.61 -8.87
N ILE D 53 22.33 0.09 -8.74
CA ILE D 53 23.15 -0.23 -9.90
C ILE D 53 23.49 -1.72 -9.93
N ARG D 56 24.98 -7.55 -13.43
CA ARG D 56 24.72 -8.89 -13.95
C ARG D 56 25.49 -9.95 -13.18
N SER D 57 26.82 -9.86 -13.21
CA SER D 57 27.71 -10.72 -12.44
C SER D 57 27.82 -10.29 -10.97
N SER D 58 28.54 -11.09 -10.19
CA SER D 58 28.87 -10.80 -8.80
C SER D 58 27.70 -10.67 -7.82
N GLY D 59 26.59 -10.09 -8.30
CA GLY D 59 25.41 -9.91 -7.47
C GLY D 59 25.62 -8.86 -6.38
N TYR D 60 26.62 -8.01 -6.58
CA TYR D 60 26.87 -6.91 -5.64
C TYR D 60 25.98 -5.72 -5.97
N ARG D 61 25.62 -4.96 -4.95
CA ARG D 61 24.66 -3.87 -5.12
C ARG D 61 25.19 -2.53 -4.61
N LEU D 62 25.12 -1.52 -5.48
CA LEU D 62 25.39 -0.16 -5.06
C LEU D 62 24.09 0.63 -5.02
N VAL D 63 23.90 1.40 -3.96
CA VAL D 63 22.72 2.24 -3.82
C VAL D 63 23.09 3.72 -3.68
N TYR D 64 22.49 4.56 -4.50
CA TYR D 64 22.75 5.99 -4.48
C TYR D 64 21.46 6.81 -4.47
N GLN D 65 21.53 8.03 -3.97
CA GLN D 65 20.39 8.93 -3.99
C GLN D 65 20.69 10.14 -4.87
N VAL D 66 19.73 10.52 -5.71
CA VAL D 66 19.88 11.72 -6.53
C VAL D 66 19.14 12.90 -5.89
N ILE D 67 19.91 13.96 -5.63
CA ILE D 67 19.41 15.18 -5.01
C ILE D 67 19.38 16.33 -6.02
N ASP D 68 18.21 16.61 -6.58
CA ASP D 68 18.06 17.62 -7.64
C ASP D 68 18.61 19.00 -7.26
N GLU D 69 18.40 19.39 -6.01
CA GLU D 69 18.77 20.72 -5.54
C GLU D 69 20.28 20.97 -5.39
N LYS D 70 21.07 19.91 -5.43
CA LYS D 70 22.52 20.07 -5.38
C LYS D 70 23.26 19.40 -6.54
N VAL D 71 22.50 18.94 -7.54
CA VAL D 71 23.00 18.09 -8.61
C VAL D 71 24.09 17.07 -8.24
N VAL D 72 23.87 16.34 -7.14
CA VAL D 72 24.78 15.26 -6.76
C VAL D 72 24.18 13.86 -6.85
N VAL D 73 25.02 12.89 -7.15
CA VAL D 73 24.67 11.48 -6.99
C VAL D 73 25.38 11.03 -5.72
N PHE D 74 24.60 10.57 -4.75
CA PHE D 74 25.14 10.28 -3.43
C PHE D 74 25.14 8.77 -3.16
N VAL D 75 26.31 8.15 -3.35
CA VAL D 75 26.44 6.70 -3.14
C VAL D 75 26.48 6.37 -1.65
N ILE D 76 25.45 5.66 -1.19
CA ILE D 76 25.28 5.38 0.22
C ILE D 76 25.79 4.00 0.64
N SER D 77 25.55 2.99 -0.21
CA SER D 77 25.95 1.64 0.13
C SER D 77 26.55 0.90 -1.07
N VAL D 78 27.58 0.11 -0.81
CA VAL D 78 28.15 -0.76 -1.84
C VAL D 78 28.43 -2.13 -1.23
N GLY D 79 27.67 -3.14 -1.64
CA GLY D 79 27.94 -4.49 -1.19
C GLY D 79 26.82 -5.51 -1.33
N LYS D 80 27.01 -6.65 -0.66
CA LYS D 80 25.99 -7.66 -0.44
C LYS D 80 26.12 -8.25 0.95
N ALA E 2 -29.23 -3.16 13.02
CA ALA E 2 -28.70 -3.13 11.66
C ALA E 2 -28.65 -1.72 11.10
N TYR E 3 -27.87 -1.53 10.04
CA TYR E 3 -27.82 -0.27 9.32
C TYR E 3 -29.14 -0.06 8.60
N PHE E 4 -29.50 1.20 8.36
CA PHE E 4 -30.65 1.50 7.53
C PHE E 4 -30.33 1.16 6.07
N LEU E 5 -31.37 1.02 5.26
CA LEU E 5 -31.18 0.67 3.86
C LEU E 5 -31.77 1.72 2.93
N ASP E 6 -30.91 2.33 2.12
CA ASP E 6 -31.38 3.24 1.09
C ASP E 6 -31.07 2.67 -0.28
N PHE E 7 -31.99 2.86 -1.21
CA PHE E 7 -31.78 2.48 -2.59
C PHE E 7 -31.85 3.74 -3.41
N ASP E 8 -30.94 3.88 -4.37
CA ASP E 8 -31.06 4.95 -5.35
C ASP E 8 -32.25 4.61 -6.24
N GLU E 9 -32.89 5.62 -6.82
CA GLU E 9 -34.06 5.41 -7.65
C GLU E 9 -33.75 4.50 -8.83
N ARG E 10 -32.63 4.75 -9.49
CA ARG E 10 -32.15 3.91 -10.58
C ARG E 10 -31.91 2.47 -10.13
N ALA E 11 -31.31 2.31 -8.96
CA ALA E 11 -31.01 0.99 -8.39
C ALA E 11 -32.28 0.21 -8.06
N LEU E 12 -33.32 0.92 -7.65
CA LEU E 12 -34.58 0.27 -7.29
C LEU E 12 -35.32 -0.20 -8.53
N LYS E 13 -35.22 0.60 -9.60
CA LYS E 13 -35.79 0.25 -10.89
C LYS E 13 -35.15 -1.01 -11.45
N GLU E 14 -33.82 -1.09 -11.32
CA GLU E 14 -33.06 -2.26 -11.73
C GLU E 14 -33.47 -3.48 -10.90
N TRP E 15 -33.63 -3.27 -9.60
CA TRP E 15 -34.03 -4.33 -8.68
C TRP E 15 -35.37 -4.95 -9.07
N ARG E 16 -36.33 -4.10 -9.43
CA ARG E 16 -37.68 -4.55 -9.81
C ARG E 16 -37.71 -5.58 -10.93
N LYS E 17 -36.84 -5.43 -11.92
CA LYS E 17 -36.84 -6.34 -13.06
C LYS E 17 -35.77 -7.42 -12.99
N LEU E 18 -35.52 -7.90 -11.78
CA LEU E 18 -34.75 -9.10 -11.56
C LEU E 18 -35.72 -10.27 -11.47
N GLY E 19 -35.28 -11.46 -11.90
CA GLY E 19 -36.06 -12.66 -11.69
C GLY E 19 -36.30 -12.86 -10.20
N SER E 20 -37.47 -13.40 -9.85
CA SER E 20 -37.83 -13.62 -8.45
C SER E 20 -36.74 -14.36 -7.68
N THR E 21 -36.03 -15.25 -8.38
CA THR E 21 -34.97 -16.03 -7.77
C THR E 21 -33.74 -15.18 -7.45
N VAL E 22 -33.27 -14.42 -8.44
CA VAL E 22 -32.04 -13.64 -8.28
C VAL E 22 -32.12 -12.53 -7.22
N ARG E 23 -33.25 -11.83 -7.17
CA ARG E 23 -33.45 -10.82 -6.13
C ARG E 23 -33.62 -11.47 -4.77
N GLU E 24 -34.10 -12.71 -4.77
CA GLU E 24 -34.25 -13.50 -3.56
C GLU E 24 -32.90 -13.77 -2.88
N GLN E 25 -31.90 -14.13 -3.67
CA GLN E 25 -30.57 -14.40 -3.13
C GLN E 25 -29.74 -13.14 -2.87
N LEU E 26 -29.97 -12.09 -3.66
CA LEU E 26 -29.35 -10.80 -3.38
C LEU E 26 -29.86 -10.24 -2.06
N LYS E 27 -31.16 -10.41 -1.82
CA LYS E 27 -31.80 -9.94 -0.60
C LYS E 27 -31.27 -10.63 0.64
N LYS E 28 -31.00 -11.92 0.51
CA LYS E 28 -30.55 -12.73 1.63
C LYS E 28 -29.14 -12.37 2.08
N LYS E 29 -28.33 -11.89 1.14
CA LYS E 29 -26.97 -11.44 1.45
C LYS E 29 -27.02 -9.98 1.91
N LEU E 30 -28.07 -9.27 1.51
CA LEU E 30 -28.29 -7.89 1.94
C LEU E 30 -28.58 -7.77 3.44
N VAL E 31 -29.32 -8.72 3.98
CA VAL E 31 -29.67 -8.67 5.41
C VAL E 31 -28.42 -8.95 6.25
N GLU E 32 -27.50 -9.72 5.69
CA GLU E 32 -26.22 -9.98 6.32
C GLU E 32 -25.34 -8.73 6.28
N VAL E 33 -25.37 -8.05 5.14
CA VAL E 33 -24.60 -6.83 4.96
C VAL E 33 -25.12 -5.76 5.92
N LEU E 34 -26.43 -5.72 6.10
CA LEU E 34 -27.06 -4.69 6.91
C LEU E 34 -26.59 -4.68 8.37
N GLU E 35 -26.02 -5.79 8.84
CA GLU E 35 -25.50 -5.88 10.23
C GLU E 35 -23.97 -5.88 10.36
N SER E 36 -23.29 -5.71 9.23
CA SER E 36 -21.82 -5.64 9.14
C SER E 36 -21.52 -5.34 7.70
N PRO E 37 -21.65 -4.06 7.32
CA PRO E 37 -21.62 -3.65 5.92
C PRO E 37 -20.25 -3.61 5.30
N ARG E 38 -19.20 -3.49 6.12
CA ARG E 38 -17.85 -3.45 5.58
C ARG E 38 -17.21 -4.83 5.50
N ILE E 39 -17.30 -5.44 4.33
CA ILE E 39 -16.51 -6.64 4.05
C ILE E 39 -15.36 -6.17 3.19
N GLU E 40 -14.22 -5.95 3.82
CA GLU E 40 -13.01 -5.45 3.17
C GLU E 40 -12.59 -6.27 1.93
N ALA E 41 -13.07 -7.51 1.86
CA ALA E 41 -12.74 -8.38 0.75
C ALA E 41 -13.55 -7.97 -0.47
N ASN E 42 -14.74 -7.45 -0.23
CA ASN E 42 -15.64 -7.00 -1.29
C ASN E 42 -15.48 -5.50 -1.52
N LYS E 43 -14.39 -4.93 -0.99
CA LYS E 43 -14.11 -3.50 -1.16
C LYS E 43 -13.96 -3.11 -2.63
N LEU E 44 -14.80 -2.18 -3.09
CA LEU E 44 -14.70 -1.66 -4.45
C LEU E 44 -13.70 -0.51 -4.56
N ARG E 45 -12.45 -0.83 -4.88
CA ARG E 45 -11.38 0.16 -4.95
C ARG E 45 -11.60 1.20 -6.05
N GLY E 46 -11.43 2.47 -5.69
CA GLY E 46 -11.54 3.57 -6.63
C GLY E 46 -12.63 4.56 -6.26
N MET E 47 -13.42 4.21 -5.25
CA MET E 47 -14.48 5.07 -4.72
C MET E 47 -14.52 4.92 -3.20
N PRO E 48 -14.83 6.01 -2.48
CA PRO E 48 -14.93 5.94 -1.01
C PRO E 48 -16.01 4.99 -0.51
N ASP E 49 -15.61 4.04 0.32
CA ASP E 49 -16.53 3.22 1.12
C ASP E 49 -17.56 2.44 0.30
N CYS E 50 -17.18 2.04 -0.91
CA CYS E 50 -18.09 1.26 -1.76
C CYS E 50 -17.69 -0.22 -1.75
N TYR E 51 -18.68 -1.09 -1.75
CA TYR E 51 -18.45 -2.53 -1.66
C TYR E 51 -19.34 -3.30 -2.63
N LYS E 52 -18.93 -4.51 -2.98
CA LYS E 52 -19.72 -5.34 -3.89
C LYS E 52 -20.49 -6.44 -3.16
N ILE E 53 -21.60 -6.85 -3.77
CA ILE E 53 -22.24 -8.12 -3.43
C ILE E 53 -22.25 -8.95 -4.71
N LYS E 54 -21.62 -10.11 -4.67
CA LYS E 54 -21.47 -10.91 -5.88
C LYS E 54 -22.19 -12.24 -5.78
N LEU E 55 -22.92 -12.59 -6.83
CA LEU E 55 -23.59 -13.88 -6.89
C LEU E 55 -22.80 -14.80 -7.79
N ARG E 56 -22.39 -15.94 -7.23
CA ARG E 56 -21.68 -16.99 -7.97
C ARG E 56 -22.34 -17.33 -9.29
N SER E 57 -23.57 -17.86 -9.24
CA SER E 57 -24.35 -18.05 -10.46
C SER E 57 -24.90 -16.70 -10.90
N SER E 58 -25.54 -16.67 -12.06
CA SER E 58 -26.19 -15.46 -12.57
C SER E 58 -25.21 -14.30 -12.84
N GLY E 59 -24.18 -14.17 -12.01
CA GLY E 59 -23.16 -13.16 -12.19
C GLY E 59 -23.61 -11.73 -11.95
N TYR E 60 -24.69 -11.55 -11.19
CA TYR E 60 -25.19 -10.21 -10.92
C TYR E 60 -24.40 -9.50 -9.81
N ARG E 61 -24.32 -8.17 -9.93
CA ARG E 61 -23.53 -7.38 -9.00
C ARG E 61 -24.36 -6.27 -8.37
N LEU E 62 -24.33 -6.21 -7.05
CA LEU E 62 -24.91 -5.08 -6.33
C LEU E 62 -23.76 -4.25 -5.76
N VAL E 63 -23.87 -2.94 -5.91
CA VAL E 63 -22.87 -2.05 -5.34
C VAL E 63 -23.53 -1.10 -4.36
N TYR E 64 -22.98 -1.03 -3.16
CA TYR E 64 -23.48 -0.13 -2.15
C TYR E 64 -22.34 0.66 -1.54
N GLN E 65 -22.67 1.82 -1.00
CA GLN E 65 -21.72 2.63 -0.26
C GLN E 65 -22.25 2.67 1.15
N VAL E 66 -21.37 2.52 2.12
CA VAL E 66 -21.79 2.62 3.51
C VAL E 66 -21.52 4.03 4.07
N ILE E 67 -22.59 4.66 4.53
CA ILE E 67 -22.50 5.98 5.13
C ILE E 67 -22.67 5.83 6.64
N ASP E 68 -21.53 5.74 7.33
CA ASP E 68 -21.49 5.54 8.77
C ASP E 68 -22.19 6.65 9.57
N GLU E 69 -22.10 7.88 9.09
CA GLU E 69 -22.64 9.04 9.81
C GLU E 69 -24.16 9.03 9.88
N LYS E 70 -24.78 8.16 9.09
CA LYS E 70 -26.23 8.00 9.13
C LYS E 70 -26.58 6.53 9.39
N VAL E 71 -25.57 5.73 9.71
CA VAL E 71 -25.67 4.26 9.70
C VAL E 71 -26.59 3.69 8.60
N VAL E 72 -26.39 4.16 7.37
CA VAL E 72 -27.10 3.58 6.22
C VAL E 72 -26.20 2.87 5.21
N VAL E 73 -26.77 1.85 4.59
CA VAL E 73 -26.15 1.22 3.43
C VAL E 73 -26.88 1.76 2.20
N PHE E 74 -26.13 2.37 1.29
CA PHE E 74 -26.73 3.05 0.16
C PHE E 74 -26.47 2.28 -1.13
N VAL E 75 -27.44 1.49 -1.55
CA VAL E 75 -27.32 0.68 -2.75
C VAL E 75 -27.44 1.58 -3.99
N ILE E 76 -26.34 1.66 -4.74
CA ILE E 76 -26.25 2.57 -5.87
C ILE E 76 -26.56 1.89 -7.21
N SER E 77 -26.05 0.67 -7.38
CA SER E 77 -26.23 -0.06 -8.65
C SER E 77 -26.57 -1.53 -8.47
N VAL E 78 -27.45 -2.03 -9.33
CA VAL E 78 -27.79 -3.45 -9.41
C VAL E 78 -27.86 -3.89 -10.87
N GLY E 79 -27.04 -4.85 -11.26
CA GLY E 79 -27.07 -5.35 -12.62
C GLY E 79 -25.90 -6.25 -12.97
N LYS E 80 -25.67 -6.42 -14.27
CA LYS E 80 -24.45 -7.07 -14.74
C LYS E 80 -23.89 -6.32 -15.94
N ALA E 81 -22.92 -5.46 -15.67
CA ALA E 81 -22.28 -4.69 -16.71
C ALA E 81 -21.38 -5.57 -17.57
N GLU E 82 -21.34 -5.26 -18.87
CA GLU E 82 -20.40 -5.88 -19.81
C GLU E 82 -20.70 -7.36 -20.13
N ARG E 83 -19.96 -7.88 -21.09
CA ARG E 83 -20.12 -9.27 -21.54
C ARG E 83 -19.01 -10.15 -20.98
N ALA F 2 -10.09 20.45 24.67
CA ALA F 2 -10.36 19.78 25.95
C ALA F 2 -9.95 18.32 25.91
N TYR F 3 -9.04 18.00 25.00
CA TYR F 3 -8.41 16.69 24.97
C TYR F 3 -7.55 16.57 26.22
N PHE F 4 -7.35 15.35 26.69
CA PHE F 4 -6.41 15.13 27.78
C PHE F 4 -5.00 15.31 27.23
N LEU F 5 -4.04 15.55 28.11
CA LEU F 5 -2.66 15.72 27.69
C LEU F 5 -1.75 14.71 28.35
N ASP F 6 -1.13 13.88 27.51
CA ASP F 6 -0.12 12.95 27.97
C ASP F 6 1.22 13.36 27.40
N PHE F 7 2.26 13.22 28.21
CA PHE F 7 3.62 13.44 27.79
C PHE F 7 4.35 12.12 27.91
N ASP F 8 5.19 11.79 26.94
CA ASP F 8 6.09 10.66 27.12
C ASP F 8 7.06 11.14 28.19
N GLU F 9 7.59 10.22 28.99
CA GLU F 9 8.51 10.60 30.06
C GLU F 9 9.73 11.29 29.51
N ARG F 10 10.26 10.75 28.41
CA ARG F 10 11.38 11.36 27.71
C ARG F 10 11.01 12.77 27.22
N ALA F 11 9.79 12.91 26.70
CA ALA F 11 9.31 14.21 26.25
C ALA F 11 9.17 15.18 27.42
N LEU F 12 8.82 14.65 28.58
CA LEU F 12 8.65 15.46 29.78
C LEU F 12 10.00 15.86 30.35
N LYS F 13 10.96 14.95 30.30
CA LYS F 13 12.33 15.23 30.73
C LYS F 13 12.97 16.29 29.84
N GLU F 14 12.73 16.20 28.54
CA GLU F 14 13.23 17.19 27.59
C GLU F 14 12.62 18.55 27.92
N TRP F 15 11.33 18.52 28.22
CA TRP F 15 10.57 19.71 28.57
C TRP F 15 11.15 20.43 29.79
N ARG F 16 11.51 19.65 30.81
CA ARG F 16 12.08 20.19 32.04
C ARG F 16 13.30 21.07 31.78
N LYS F 17 14.10 20.69 30.79
CA LYS F 17 15.30 21.44 30.46
C LYS F 17 15.13 22.35 29.25
N LEU F 18 13.94 22.90 29.10
CA LEU F 18 13.71 23.98 28.14
C LEU F 18 13.93 25.31 28.85
N GLY F 19 14.41 26.30 28.12
CA GLY F 19 14.49 27.65 28.65
C GLY F 19 13.10 28.11 29.04
N SER F 20 13.00 28.87 30.13
CA SER F 20 11.72 29.37 30.61
C SER F 20 10.96 30.10 29.51
N THR F 21 11.72 30.75 28.63
CA THR F 21 11.14 31.52 27.54
C THR F 21 10.52 30.61 26.49
N VAL F 22 11.29 29.64 26.03
CA VAL F 22 10.86 28.74 24.95
C VAL F 22 9.67 27.86 25.29
N ARG F 23 9.62 27.33 26.51
CA ARG F 23 8.48 26.48 26.90
C ARG F 23 7.21 27.31 27.08
N GLU F 24 7.37 28.59 27.41
CA GLU F 24 6.24 29.48 27.56
C GLU F 24 5.50 29.66 26.23
N GLN F 25 6.27 29.77 25.14
CA GLN F 25 5.67 29.92 23.81
C GLN F 25 5.17 28.60 23.21
N LEU F 26 5.85 27.50 23.51
CA LEU F 26 5.37 26.18 23.10
C LEU F 26 4.05 25.88 23.81
N LYS F 27 4.00 26.23 25.09
CA LYS F 27 2.81 26.00 25.89
C LYS F 27 1.61 26.76 25.36
N LYS F 28 1.86 27.95 24.82
CA LYS F 28 0.80 28.79 24.28
C LYS F 28 0.17 28.15 23.05
N LYS F 29 0.98 27.37 22.33
CA LYS F 29 0.50 26.66 21.15
C LYS F 29 -0.04 25.26 21.50
N LEU F 30 0.39 24.69 22.62
CA LEU F 30 -0.13 23.41 23.09
C LEU F 30 -1.59 23.52 23.52
N VAL F 31 -1.93 24.63 24.17
CA VAL F 31 -3.29 24.85 24.64
C VAL F 31 -4.23 25.14 23.47
N GLU F 32 -3.70 25.70 22.40
CA GLU F 32 -4.48 25.88 21.19
C GLU F 32 -4.72 24.51 20.58
N VAL F 33 -3.69 23.67 20.63
CA VAL F 33 -3.77 22.29 20.13
C VAL F 33 -4.74 21.43 20.92
N LEU F 34 -4.73 21.59 22.24
CA LEU F 34 -5.54 20.76 23.12
C LEU F 34 -7.04 20.89 22.84
N GLU F 35 -7.40 22.00 22.22
CA GLU F 35 -8.75 22.24 21.71
C GLU F 35 -8.61 22.19 20.20
N SER F 36 -9.18 21.16 19.55
CA SER F 36 -8.96 20.94 18.12
C SER F 36 -7.47 20.68 17.83
N PRO F 37 -7.04 19.42 18.03
CA PRO F 37 -5.63 18.99 17.91
C PRO F 37 -5.16 18.74 16.48
N ARG F 38 -6.08 18.50 15.55
CA ARG F 38 -5.68 18.19 14.19
C ARG F 38 -5.54 19.43 13.29
N ILE F 39 -4.31 19.90 13.16
CA ILE F 39 -3.96 20.96 12.22
C ILE F 39 -3.32 20.36 10.98
N GLU F 40 -4.09 20.31 9.90
CA GLU F 40 -3.69 19.71 8.62
C GLU F 40 -2.33 20.14 8.10
N ALA F 41 -1.89 21.35 8.46
CA ALA F 41 -0.63 21.89 7.95
C ALA F 41 0.58 21.31 8.68
N ASN F 42 0.37 20.94 9.94
CA ASN F 42 1.46 20.41 10.75
C ASN F 42 1.50 18.89 10.78
N LYS F 43 0.78 18.24 9.87
CA LYS F 43 0.78 16.80 9.77
C LYS F 43 2.19 16.27 9.53
N LEU F 44 2.67 15.42 10.43
CA LEU F 44 3.97 14.80 10.26
C LEU F 44 3.83 13.60 9.33
N ARG F 45 4.05 13.83 8.04
CA ARG F 45 3.86 12.78 7.04
C ARG F 45 4.78 11.59 7.31
N GLY F 46 4.21 10.40 7.33
CA GLY F 46 4.98 9.17 7.52
C GLY F 46 4.64 8.40 8.78
N MET F 47 3.80 8.99 9.64
CA MET F 47 3.38 8.35 10.88
C MET F 47 1.89 8.63 11.12
N PRO F 48 1.16 7.66 11.71
CA PRO F 48 -0.26 7.88 11.99
C PRO F 48 -0.52 9.02 12.96
N ASP F 49 -1.31 9.99 12.50
CA ASP F 49 -1.91 11.01 13.36
C ASP F 49 -0.90 11.82 14.17
N CYS F 50 0.31 12.01 13.64
CA CYS F 50 1.32 12.78 14.33
C CYS F 50 1.42 14.18 13.74
N TYR F 51 1.62 15.16 14.61
CA TYR F 51 1.64 16.56 14.20
C TYR F 51 2.79 17.32 14.86
N LYS F 52 3.19 18.42 14.23
CA LYS F 52 4.26 19.25 14.78
C LYS F 52 3.71 20.51 15.42
N ILE F 53 4.47 21.05 16.36
CA ILE F 53 4.29 22.42 16.79
C ILE F 53 5.62 23.10 16.48
N LYS F 54 5.58 24.10 15.62
CA LYS F 54 6.82 24.72 15.14
C LYS F 54 6.94 26.15 15.60
N LEU F 55 8.13 26.50 16.09
CA LEU F 55 8.41 27.85 16.54
C LEU F 55 9.24 28.64 15.55
N ARG F 56 8.71 29.78 15.13
CA ARG F 56 9.41 30.73 14.27
C ARG F 56 10.82 31.02 14.78
N SER F 57 10.90 31.59 15.99
CA SER F 57 12.19 31.78 16.64
C SER F 57 12.69 30.47 17.23
N SER F 58 13.93 30.47 17.70
CA SER F 58 14.53 29.32 18.40
C SER F 58 14.63 28.02 17.59
N GLY F 59 13.63 27.75 16.76
CA GLY F 59 13.62 26.56 15.93
C GLY F 59 13.40 25.25 16.67
N TYR F 60 12.80 25.32 17.86
CA TYR F 60 12.48 24.11 18.63
C TYR F 60 11.19 23.45 18.13
N ARG F 61 11.13 22.13 18.25
CA ARG F 61 10.02 21.35 17.69
C ARG F 61 9.36 20.42 18.71
N LEU F 62 8.03 20.50 18.80
CA LEU F 62 7.27 19.50 19.57
C LEU F 62 6.52 18.58 18.61
N VAL F 63 6.55 17.29 18.91
CA VAL F 63 5.79 16.30 18.13
C VAL F 63 4.79 15.58 19.00
N TYR F 64 3.54 15.57 18.58
CA TYR F 64 2.49 14.89 19.33
C TYR F 64 1.65 14.02 18.41
N GLN F 65 1.05 12.99 18.97
CA GLN F 65 0.11 12.15 18.24
C GLN F 65 -1.25 12.33 18.88
N VAL F 66 -2.30 12.47 18.08
CA VAL F 66 -3.64 12.58 18.64
C VAL F 66 -4.36 11.23 18.64
N ILE F 67 -4.76 10.80 19.83
CA ILE F 67 -5.48 9.56 20.01
C ILE F 67 -6.94 9.87 20.33
N ASP F 68 -7.76 9.89 19.30
CA ASP F 68 -9.18 10.19 19.42
C ASP F 68 -9.91 9.20 20.32
N GLU F 69 -9.51 7.92 20.28
CA GLU F 69 -10.22 6.89 21.04
C GLU F 69 -10.06 7.03 22.56
N LYS F 70 -9.12 7.87 22.98
CA LYS F 70 -8.96 8.17 24.40
C LYS F 70 -9.03 9.67 24.62
N VAL F 71 -9.45 10.38 23.57
CA VAL F 71 -9.34 11.84 23.48
C VAL F 71 -8.10 12.46 24.14
N VAL F 72 -6.93 11.87 23.85
CA VAL F 72 -5.68 12.46 24.31
C VAL F 72 -4.79 13.00 23.19
N VAL F 73 -4.04 14.03 23.53
CA VAL F 73 -2.94 14.49 22.70
C VAL F 73 -1.68 13.97 23.37
N PHE F 74 -0.89 13.19 22.63
CA PHE F 74 0.24 12.50 23.23
C PHE F 74 1.56 13.13 22.78
N VAL F 75 2.13 13.96 23.64
CA VAL F 75 3.39 14.63 23.31
C VAL F 75 4.56 13.65 23.35
N ILE F 76 5.17 13.43 22.18
CA ILE F 76 6.23 12.43 22.03
C ILE F 76 7.64 13.01 22.07
N SER F 77 7.84 14.16 21.42
CA SER F 77 9.18 14.72 21.32
C SER F 77 9.23 16.24 21.51
N VAL F 78 10.27 16.71 22.18
CA VAL F 78 10.55 18.14 22.30
C VAL F 78 12.05 18.40 22.13
N GLY F 79 12.42 19.14 21.09
CA GLY F 79 13.82 19.50 20.91
C GLY F 79 14.13 20.05 19.54
N LYS F 80 15.42 20.15 19.22
CA LYS F 80 15.85 20.47 17.86
C LYS F 80 17.11 19.70 17.50
S SO4 G . 5.65 -8.95 -8.06
O1 SO4 G . 4.71 -9.78 -8.82
O2 SO4 G . 6.74 -8.46 -8.91
O3 SO4 G . 4.91 -7.82 -7.50
O4 SO4 G . 6.22 -9.73 -6.98
S SO4 H . 1.87 -11.21 -12.01
O1 SO4 H . 1.91 -12.65 -12.17
O2 SO4 H . 3.03 -10.60 -12.65
O3 SO4 H . 0.65 -10.71 -12.63
O4 SO4 H . 1.88 -10.88 -10.58
S SO4 I . -4.02 -9.20 -7.43
O1 SO4 I . -3.45 -10.45 -7.92
O2 SO4 I . -4.42 -8.37 -8.56
O3 SO4 I . -5.20 -9.49 -6.62
O4 SO4 I . -3.02 -8.49 -6.63
#